data_8DJI
#
_entry.id   8DJI
#
_cell.length_a   36.995
_cell.length_b   47.156
_cell.length_c   63.777
_cell.angle_alpha   90.000
_cell.angle_beta   90.000
_cell.angle_gamma   90.000
#
_symmetry.space_group_name_H-M   'P 21 21 21'
#
loop_
_entity.id
_entity.type
_entity.pdbx_description
1 polymer 'Small ubiquitin-related modifier 1'
2 polymer 'Protein PML'
3 non-polymer 'ZINC ION'
4 water water
#
loop_
_entity_poly.entity_id
_entity_poly.type
_entity_poly.pdbx_seq_one_letter_code
_entity_poly.pdbx_strand_id
1 'polypeptide(L)'
;GSDQEAKPSTEDLGDKKEGEYIKLKVIGQDSSEIHFKVKMTTHLKKLKESYAQRQGVPMNSLRFLFEGQRIADNHTPKEL
GMEEEDVIEVYQEQTGG
;
A
2 'polypeptide(L)' GSGAGEAEERVVVISSSEDSDAENSSSRY B
#
# COMPACT_ATOMS: atom_id res chain seq x y z
N GLY A 19 0.21 -16.51 -8.47
CA GLY A 19 -0.83 -15.65 -7.94
C GLY A 19 -0.95 -14.34 -8.69
N GLU A 20 -2.12 -13.71 -8.60
CA GLU A 20 -2.35 -12.43 -9.24
C GLU A 20 -2.00 -11.28 -8.30
N TYR A 21 -1.60 -10.15 -8.88
CA TYR A 21 -1.56 -8.90 -8.13
C TYR A 21 -2.98 -8.47 -7.79
N ILE A 22 -3.17 -8.01 -6.55
CA ILE A 22 -4.36 -7.24 -6.21
C ILE A 22 -3.97 -5.77 -6.18
N LYS A 23 -4.96 -4.90 -6.37
CA LYS A 23 -4.75 -3.46 -6.44
C LYS A 23 -5.33 -2.81 -5.19
N LEU A 24 -4.47 -2.20 -4.39
CA LEU A 24 -4.89 -1.45 -3.21
C LEU A 24 -4.79 0.04 -3.49
N LYS A 25 -5.64 0.81 -2.82
CA LYS A 25 -5.64 2.27 -2.88
C LYS A 25 -5.08 2.78 -1.56
N VAL A 26 -3.97 3.51 -1.63
CA VAL A 26 -3.34 4.09 -0.45
C VAL A 26 -3.71 5.57 -0.41
N ILE A 27 -4.35 5.99 0.68
CA ILE A 27 -4.83 7.35 0.84
C ILE A 27 -4.03 8.03 1.93
N GLY A 28 -3.52 9.23 1.65
CA GLY A 28 -2.68 9.94 2.58
C GLY A 28 -3.44 10.96 3.41
N GLN A 29 -2.71 11.57 4.34
CA GLN A 29 -3.29 12.60 5.20
C GLN A 29 -4.00 13.67 4.37
N ASP A 30 -3.45 14.03 3.22
CA ASP A 30 -4.07 15.04 2.36
C ASP A 30 -5.20 14.47 1.52
N SER A 31 -5.57 13.21 1.73
CA SER A 31 -6.64 12.53 1.00
C SER A 31 -6.31 12.36 -0.48
N SER A 32 -5.02 12.41 -0.82
CA SER A 32 -4.60 12.06 -2.17
C SER A 32 -4.51 10.54 -2.31
N GLU A 33 -4.24 10.09 -3.54
CA GLU A 33 -4.54 8.72 -3.94
C GLU A 33 -3.34 8.13 -4.68
N ILE A 34 -2.88 6.97 -4.21
CA ILE A 34 -1.86 6.19 -4.92
C ILE A 34 -2.24 4.72 -4.83
N HIS A 35 -2.40 4.06 -5.98
CA HIS A 35 -2.67 2.64 -6.03
C HIS A 35 -1.36 1.85 -6.05
N PHE A 36 -1.34 0.73 -5.32
CA PHE A 36 -0.20 -0.17 -5.32
C PHE A 36 -0.65 -1.58 -5.67
N LYS A 37 0.09 -2.25 -6.53
CA LYS A 37 -0.17 -3.65 -6.81
C LYS A 37 0.79 -4.51 -6.01
N VAL A 38 0.23 -5.50 -5.31
CA VAL A 38 0.99 -6.47 -4.53
C VAL A 38 0.33 -7.83 -4.72
N LYS A 39 1.13 -8.87 -4.54
CA LYS A 39 0.60 -10.23 -4.49
C LYS A 39 0.27 -10.58 -3.05
N MET A 40 -0.52 -11.65 -2.90
CA MET A 40 -1.15 -11.91 -1.61
C MET A 40 -0.14 -12.28 -0.52
N THR A 41 1.07 -12.71 -0.90
CA THR A 41 2.09 -13.08 0.07
C THR A 41 3.24 -12.09 0.13
N THR A 42 3.08 -10.90 -0.46
CA THR A 42 4.11 -9.88 -0.43
C THR A 42 4.12 -9.18 0.93
N HIS A 43 5.30 -9.03 1.50
CA HIS A 43 5.46 -8.26 2.73
C HIS A 43 5.18 -6.79 2.46
N LEU A 44 4.23 -6.22 3.18
CA LEU A 44 3.80 -4.86 2.88
C LEU A 44 4.81 -3.79 3.26
N LYS A 45 5.94 -4.14 3.88
CA LYS A 45 6.98 -3.14 4.09
C LYS A 45 7.48 -2.58 2.77
N LYS A 46 7.52 -3.41 1.72
CA LYS A 46 7.87 -2.89 0.39
C LYS A 46 6.90 -1.79 -0.04
N LEU A 47 5.61 -1.95 0.27
CA LEU A 47 4.63 -0.92 -0.03
C LEU A 47 4.88 0.32 0.82
N LYS A 48 5.07 0.13 2.12
CA LYS A 48 5.37 1.26 2.99
C LYS A 48 6.56 2.06 2.45
N GLU A 49 7.66 1.36 2.16
CA GLU A 49 8.86 2.02 1.69
C GLU A 49 8.59 2.87 0.46
N SER A 50 7.95 2.28 -0.55
CA SER A 50 7.69 2.99 -1.79
C SER A 50 6.86 4.25 -1.54
N TYR A 51 5.79 4.13 -0.75
CA TYR A 51 4.95 5.28 -0.49
C TYR A 51 5.69 6.35 0.31
N ALA A 52 6.37 5.94 1.39
CA ALA A 52 7.14 6.90 2.17
C ALA A 52 8.15 7.64 1.29
N GLN A 53 8.77 6.93 0.36
CA GLN A 53 9.74 7.47 -0.62
C GLN A 53 9.01 8.42 -1.56
N ARG A 54 7.80 8.08 -1.97
CA ARG A 54 7.06 8.94 -2.89
C ARG A 54 6.53 10.18 -2.19
N GLN A 55 6.30 10.13 -0.88
CA GLN A 55 5.88 11.29 -0.12
C GLN A 55 7.05 12.11 0.40
N GLY A 56 8.28 11.64 0.22
CA GLY A 56 9.45 12.38 0.69
C GLY A 56 9.59 12.44 2.19
N VAL A 57 9.29 11.35 2.89
CA VAL A 57 9.35 11.33 4.35
C VAL A 57 9.83 9.98 4.83
N PRO A 58 10.39 9.93 6.04
CA PRO A 58 10.84 8.65 6.58
C PRO A 58 9.66 7.71 6.83
N MET A 59 9.83 6.44 6.43
CA MET A 59 8.79 5.44 6.64
C MET A 59 8.36 5.40 8.11
N ASN A 60 9.31 5.57 9.04
CA ASN A 60 9.00 5.49 10.45
C ASN A 60 8.27 6.72 10.97
N SER A 61 8.09 7.75 10.14
CA SER A 61 7.23 8.86 10.51
C SER A 61 5.76 8.59 10.18
N LEU A 62 5.46 7.43 9.60
CA LEU A 62 4.13 7.12 9.12
C LEU A 62 3.60 5.85 9.77
N ARG A 63 2.28 5.77 9.88
CA ARG A 63 1.59 4.54 10.25
C ARG A 63 0.57 4.24 9.16
N PHE A 64 0.58 3.00 8.68
CA PHE A 64 -0.31 2.54 7.61
C PHE A 64 -1.38 1.68 8.24
N LEU A 65 -2.64 2.04 8.04
CA LEU A 65 -3.75 1.36 8.69
C LEU A 65 -4.61 0.67 7.66
N PHE A 66 -5.02 -0.55 7.96
CA PHE A 66 -6.04 -1.26 7.18
C PHE A 66 -7.24 -1.45 8.08
N GLU A 67 -8.35 -0.78 7.75
CA GLU A 67 -9.56 -0.81 8.58
C GLU A 67 -9.23 -0.42 10.02
N GLY A 68 -8.44 0.65 10.15
CA GLY A 68 -8.05 1.18 11.43
C GLY A 68 -6.97 0.39 12.14
N GLN A 69 -6.58 -0.76 11.61
CA GLN A 69 -5.60 -1.67 12.24
C GLN A 69 -4.23 -1.45 11.65
N ARG A 70 -3.19 -1.46 12.48
CA ARG A 70 -1.84 -1.14 12.02
C ARG A 70 -1.29 -2.25 11.15
N ILE A 71 -0.68 -1.86 10.03
CA ILE A 71 -0.05 -2.78 9.10
C ILE A 71 1.41 -2.95 9.51
N ALA A 72 1.80 -4.16 9.89
CA ALA A 72 3.19 -4.45 10.22
C ALA A 72 4.02 -4.57 8.94
N ASP A 73 5.34 -4.41 9.11
CA ASP A 73 6.25 -4.53 7.97
C ASP A 73 6.10 -5.88 7.28
N ASN A 74 5.87 -6.93 8.06
CA ASN A 74 5.79 -8.30 7.54
C ASN A 74 4.36 -8.82 7.46
N HIS A 75 3.40 -7.94 7.60
CA HIS A 75 2.00 -8.28 7.32
C HIS A 75 1.96 -8.54 5.81
N THR A 76 1.12 -9.45 5.36
CA THR A 76 0.83 -9.69 3.96
C THR A 76 -0.64 -9.47 3.70
N PRO A 77 -1.04 -9.13 2.47
CA PRO A 77 -2.47 -9.03 2.18
C PRO A 77 -3.24 -10.28 2.56
N LYS A 78 -2.63 -11.47 2.47
CA LYS A 78 -3.31 -12.69 2.88
C LYS A 78 -3.59 -12.69 4.37
N GLU A 79 -2.59 -12.37 5.19
CA GLU A 79 -2.79 -12.33 6.63
C GLU A 79 -3.92 -11.36 6.98
N LEU A 80 -3.96 -10.20 6.32
CA LEU A 80 -4.95 -9.18 6.64
C LEU A 80 -6.29 -9.43 5.99
N GLY A 81 -6.38 -10.38 5.06
CA GLY A 81 -7.64 -10.60 4.38
C GLY A 81 -7.98 -9.50 3.41
N MET A 82 -6.97 -8.93 2.75
CA MET A 82 -7.19 -7.88 1.77
C MET A 82 -7.73 -8.46 0.47
N GLU A 83 -8.45 -7.61 -0.28
CA GLU A 83 -8.99 -7.98 -1.58
C GLU A 83 -8.80 -6.82 -2.54
N GLU A 84 -8.98 -7.10 -3.83
CA GLU A 84 -8.93 -6.07 -4.84
C GLU A 84 -9.74 -4.84 -4.40
N GLU A 85 -9.15 -3.67 -4.60
CA GLU A 85 -9.74 -2.36 -4.32
C GLU A 85 -9.87 -2.04 -2.84
N ASP A 86 -9.24 -2.82 -1.95
CA ASP A 86 -9.22 -2.46 -0.55
C ASP A 86 -8.35 -1.22 -0.33
N VAL A 87 -8.59 -0.54 0.78
CA VAL A 87 -7.99 0.76 1.05
C VAL A 87 -7.01 0.65 2.21
N ILE A 88 -5.84 1.27 2.04
CA ILE A 88 -4.90 1.50 3.13
C ILE A 88 -4.89 3.00 3.43
N GLU A 89 -5.00 3.34 4.70
CA GLU A 89 -4.93 4.73 5.13
C GLU A 89 -3.57 5.00 5.76
N VAL A 90 -3.01 6.17 5.46
CA VAL A 90 -1.70 6.56 6.00
C VAL A 90 -1.91 7.78 6.89
N TYR A 91 -1.48 7.66 8.13
CA TYR A 91 -1.52 8.73 9.10
C TYR A 91 -0.12 9.01 9.59
N GLN A 92 0.04 10.12 10.31
CA GLN A 92 1.29 10.36 11.01
C GLN A 92 1.45 9.35 12.14
N GLU A 93 2.70 8.98 12.41
CA GLU A 93 3.03 8.13 13.55
C GLU A 93 2.72 8.88 14.83
N ALA B 7 -5.37 15.66 -10.78
CA ALA B 7 -4.51 14.54 -10.40
C ALA B 7 -4.73 13.34 -11.32
N GLU B 8 -3.65 12.81 -11.86
CA GLU B 8 -3.70 11.65 -12.74
C GLU B 8 -3.63 10.37 -11.92
N GLU B 9 -4.24 9.30 -12.44
CA GLU B 9 -4.27 7.96 -11.81
C GLU B 9 -2.82 7.48 -11.65
N ARG B 10 -2.47 6.94 -10.48
CA ARG B 10 -1.13 6.46 -10.17
C ARG B 10 -1.22 5.03 -9.67
N VAL B 11 -0.51 4.12 -10.35
CA VAL B 11 -0.53 2.70 -10.03
C VAL B 11 0.93 2.23 -9.98
N VAL B 12 1.39 1.83 -8.80
CA VAL B 12 2.74 1.35 -8.59
C VAL B 12 2.70 -0.15 -8.36
N VAL B 13 3.63 -0.87 -8.98
CA VAL B 13 3.70 -2.32 -8.86
C VAL B 13 4.83 -2.67 -7.90
N ILE B 14 4.51 -3.35 -6.81
CA ILE B 14 5.50 -3.80 -5.85
C ILE B 14 5.85 -5.25 -6.20
N SER B 15 7.08 -5.47 -6.66
CA SER B 15 7.57 -6.82 -6.92
C SER B 15 8.31 -7.33 -5.70
N ASN B 24 5.55 -2.77 -15.41
CA ASN B 24 4.39 -2.34 -16.18
C ASN B 24 3.12 -2.38 -15.32
N SER B 25 2.50 -1.22 -15.13
CA SER B 25 1.46 -1.09 -14.12
C SER B 25 0.10 -1.65 -14.53
N SER B 26 -0.04 -2.14 -15.77
CA SER B 26 -1.25 -2.88 -16.14
C SER B 26 -1.19 -4.33 -15.72
N SER B 27 0.00 -4.83 -15.39
CA SER B 27 0.19 -6.26 -15.20
C SER B 27 -0.63 -6.81 -14.05
N ARG B 28 -0.93 -8.11 -14.11
CA ARG B 28 -1.55 -8.84 -13.01
C ARG B 28 -0.75 -10.07 -12.62
N TYR B 29 0.36 -10.35 -13.30
CA TYR B 29 1.26 -11.46 -12.93
C TYR B 29 2.69 -10.94 -12.93
#